data_2BCD
#
_entry.id   2BCD
#
_cell.length_a   100.955
_cell.length_b   100.955
_cell.length_c   63.485
_cell.angle_alpha   90.00
_cell.angle_beta   90.00
_cell.angle_gamma   90.00
#
_symmetry.space_group_name_H-M   'P 42 21 2'
#
loop_
_entity.id
_entity.type
_entity.pdbx_description
1 polymer 'Serine/threonine protein phosphatase PP1-gamma catalytic subunit'
2 polymer MOTUPORIN
3 non-polymer BETA-MERCAPTOETHANOL
4 non-polymer 'MANGANESE (II) ION'
5 water water
#
loop_
_entity_poly.entity_id
_entity_poly.type
_entity_poly.pdbx_seq_one_letter_code
_entity_poly.pdbx_strand_id
1 'polypeptide(L)'
;MADLDKLNIDSIIQRLLEVRGSKPGKNVQLQENEIRGLCLKSREIFLSQPILLELEAPLKICGDIHGQYYDLLRLFEYGG
FPPESNYLFLGDYVDRGKQSLETICLLLAYKIKYPENFFLLRGNHECASINRIYGFYDECKRRYNIKLWKTFTDCFNCLP
IAAIVDEKIFCCHGGLSPDLQSMEQIRRIMRPTDVPDQGLLCDLLWSDPDKDVLGWGENDRGVSFTFGAEVVAKFLHKHD
LDLICRAHQVVEDGYEFFAKRQLVTLFSAPNYCGEFDNAGAMMSVDETLMCSFQILKPAEKKKPNATRPVTPPRGMITKQ
AKK
;
A
2 'polypeptide(L)' (ACB)V(1ZN)(FGA)(MDH) B
#
loop_
_chem_comp.id
_chem_comp.type
_chem_comp.name
_chem_comp.formula
1ZN peptide-like '(2S,3S,4E,6E,8S,9S)-3-amino-9-methoxy-2,6,8-trimethyl-10-phenyldeca-4,6-dienoic acid' 'C20 H29 N O3'
ACB D-beta-peptide, C-gamma linking '3-METHYL-BETA-D-ASPARTIC ACID' 'C5 H9 N O4'
BME non-polymer BETA-MERCAPTOETHANOL 'C2 H6 O S'
FGA D-gamma-peptide, C-delta linking 'GAMMA-D-GLUTAMIC ACID' 'C5 H9 N O4'
MN non-polymer 'MANGANESE (II) ION' 'Mn 2'
#
# COMPACT_ATOMS: atom_id res chain seq x y z
N LYS A 6 -3.24 27.17 -5.02
CA LYS A 6 -4.07 27.14 -6.27
C LYS A 6 -5.01 25.94 -6.27
N LEU A 7 -4.54 24.85 -5.65
CA LEU A 7 -5.26 23.58 -5.54
C LEU A 7 -6.28 23.62 -4.40
N ASN A 8 -7.55 23.44 -4.72
CA ASN A 8 -8.57 23.43 -3.68
C ASN A 8 -8.74 22.01 -3.15
N ILE A 9 -7.91 21.66 -2.16
CA ILE A 9 -7.90 20.34 -1.51
C ILE A 9 -9.25 19.98 -0.87
N ASP A 10 -9.81 20.89 -0.04
CA ASP A 10 -11.08 20.65 0.66
C ASP A 10 -12.27 20.38 -0.26
N SER A 11 -12.28 21.01 -1.41
CA SER A 11 -13.34 20.81 -2.40
C SER A 11 -13.21 19.47 -3.15
N ILE A 12 -11.97 19.04 -3.38
CA ILE A 12 -11.67 17.75 -4.01
C ILE A 12 -12.11 16.61 -3.07
N ILE A 13 -11.69 16.68 -1.79
CA ILE A 13 -12.14 15.75 -0.76
C ILE A 13 -13.68 15.70 -0.65
N GLN A 14 -14.33 16.88 -0.61
CA GLN A 14 -15.78 16.96 -0.53
C GLN A 14 -16.45 16.24 -1.70
N ARG A 15 -16.01 16.51 -2.93
CA ARG A 15 -16.51 15.83 -4.13
C ARG A 15 -16.24 14.31 -4.16
N LEU A 16 -15.12 13.88 -3.59
CA LEU A 16 -14.80 12.44 -3.49
C LEU A 16 -15.69 11.73 -2.43
N LEU A 17 -15.90 12.40 -1.31
CA LEU A 17 -16.74 11.89 -0.23
C LEU A 17 -18.24 12.00 -0.47
N GLU A 18 -18.63 12.77 -1.48
CA GLU A 18 -20.04 13.03 -1.78
C GLU A 18 -20.81 11.79 -2.23
N VAL A 19 -20.08 10.82 -2.82
CA VAL A 19 -20.69 9.58 -3.32
C VAL A 19 -20.81 8.46 -2.28
N ARG A 20 -20.46 8.78 -1.01
CA ARG A 20 -20.73 7.93 0.16
C ARG A 20 -22.21 7.57 0.20
N GLY A 21 -22.53 6.29 0.13
CA GLY A 21 -23.95 5.92 0.17
C GLY A 21 -24.72 6.16 -1.12
N SER A 22 -24.00 6.46 -2.21
CA SER A 22 -24.56 6.31 -3.55
C SER A 22 -24.41 4.86 -3.96
N LYS A 23 -24.91 4.52 -5.14
CA LYS A 23 -24.78 3.19 -5.72
C LYS A 23 -23.29 2.91 -5.91
N PRO A 24 -22.81 1.77 -5.41
CA PRO A 24 -21.39 1.40 -5.57
C PRO A 24 -21.06 1.31 -7.05
N GLY A 25 -19.96 1.94 -7.46
CA GLY A 25 -19.61 2.03 -8.87
C GLY A 25 -19.80 3.42 -9.45
N LYS A 26 -20.51 4.30 -8.73
CA LYS A 26 -20.72 5.68 -9.16
C LYS A 26 -19.43 6.53 -9.15
N ASN A 27 -19.12 7.10 -10.31
CA ASN A 27 -17.89 7.81 -10.54
C ASN A 27 -17.87 9.23 -9.99
N VAL A 28 -16.65 9.70 -9.68
CA VAL A 28 -16.38 11.12 -9.43
C VAL A 28 -15.41 11.56 -10.51
N GLN A 29 -15.87 12.43 -11.40
CA GLN A 29 -15.02 12.94 -12.48
C GLN A 29 -14.40 14.30 -12.11
N LEU A 30 -13.29 14.22 -11.37
CA LEU A 30 -12.44 15.39 -11.15
C LEU A 30 -11.87 15.92 -12.46
N GLN A 31 -11.47 17.19 -12.47
CA GLN A 31 -10.85 17.79 -13.65
C GLN A 31 -9.41 17.31 -13.71
N GLU A 32 -8.90 17.11 -14.93
CA GLU A 32 -7.51 16.70 -15.19
C GLU A 32 -6.48 17.54 -14.42
N ASN A 33 -6.65 18.87 -14.43
CA ASN A 33 -5.73 19.80 -13.75
C ASN A 33 -5.71 19.60 -12.21
N GLU A 34 -6.87 19.23 -11.65
CA GLU A 34 -7.00 18.87 -10.25
C GLU A 34 -6.26 17.56 -9.91
N ILE A 35 -6.40 16.54 -10.75
CA ILE A 35 -5.69 15.26 -10.58
C ILE A 35 -4.17 15.43 -10.70
N ARG A 36 -3.73 16.22 -11.67
CA ARG A 36 -2.30 16.57 -11.87
C ARG A 36 -1.75 17.35 -10.66
N GLY A 37 -2.57 18.24 -10.09
CA GLY A 37 -2.25 18.96 -8.86
C GLY A 37 -2.05 18.05 -7.66
N LEU A 38 -2.91 17.04 -7.53
CA LEU A 38 -2.78 16.03 -6.47
C LEU A 38 -1.45 15.27 -6.59
N CYS A 39 -1.09 14.84 -7.81
CA CYS A 39 0.14 14.13 -8.09
C CYS A 39 1.40 14.92 -7.78
N LEU A 40 1.41 16.19 -8.20
CA LEU A 40 2.62 17.00 -8.12
C LEU A 40 2.84 17.53 -6.70
N LYS A 41 1.77 17.85 -5.99
CA LYS A 41 1.87 18.29 -4.60
C LYS A 41 2.27 17.13 -3.70
N SER A 42 1.61 15.97 -3.84
CA SER A 42 1.94 14.81 -2.98
C SER A 42 3.38 14.34 -3.17
N ARG A 43 3.85 14.36 -4.42
CA ARG A 43 5.21 13.98 -4.81
C ARG A 43 6.29 14.79 -4.06
N GLU A 44 6.01 16.09 -3.94
CA GLU A 44 6.82 17.04 -3.21
C GLU A 44 6.93 16.62 -1.74
N ILE A 45 5.79 16.32 -1.11
CA ILE A 45 5.70 15.84 0.27
C ILE A 45 6.43 14.50 0.48
N PHE A 46 6.23 13.55 -0.45
CA PHE A 46 6.93 12.25 -0.42
C PHE A 46 8.41 12.47 -0.38
N LEU A 47 8.92 13.33 -1.26
CA LEU A 47 10.37 13.61 -1.35
C LEU A 47 10.96 14.33 -0.12
N SER A 48 10.15 15.11 0.60
CA SER A 48 10.60 15.83 1.82
C SER A 48 10.64 14.96 3.07
N GLN A 49 9.93 13.84 3.03
CA GLN A 49 9.88 12.85 4.10
C GLN A 49 10.81 11.67 3.78
N PRO A 50 11.35 11.00 4.83
CA PRO A 50 12.23 9.84 4.64
C PRO A 50 11.62 8.73 3.79
N ILE A 51 12.49 8.01 3.07
CA ILE A 51 12.12 6.83 2.30
C ILE A 51 11.85 5.62 3.21
N LEU A 52 12.40 5.66 4.42
CA LEU A 52 12.10 4.72 5.48
C LEU A 52 11.45 5.53 6.59
N LEU A 53 10.14 5.40 6.70
CA LEU A 53 9.38 6.23 7.63
C LEU A 53 9.57 5.73 9.06
N GLU A 54 9.73 6.66 9.99
CA GLU A 54 9.77 6.31 11.41
C GLU A 54 8.50 6.88 11.98
N LEU A 55 7.58 6.01 12.36
CA LEU A 55 6.23 6.40 12.77
C LEU A 55 5.90 5.98 14.20
N GLU A 56 4.92 6.66 14.79
CA GLU A 56 4.54 6.37 16.17
C GLU A 56 3.05 6.08 16.27
N ALA A 57 2.71 5.18 17.19
CA ALA A 57 1.33 4.78 17.44
C ALA A 57 0.59 5.91 18.20
N PRO A 58 -0.77 5.93 18.17
CA PRO A 58 -1.76 5.06 17.54
C PRO A 58 -1.87 5.24 16.00
N LEU A 59 -2.15 4.13 15.31
CA LEU A 59 -2.09 4.08 13.85
C LEU A 59 -2.95 2.92 13.37
N LYS A 60 -3.76 3.16 12.33
CA LYS A 60 -4.46 2.09 11.60
C LYS A 60 -3.71 1.74 10.29
N ILE A 61 -3.37 0.46 10.15
CA ILE A 61 -2.53 -0.04 9.05
C ILE A 61 -3.38 -0.87 8.08
N CYS A 62 -3.33 -0.50 6.79
CA CYS A 62 -4.16 -1.15 5.76
C CYS A 62 -3.34 -1.76 4.60
N GLY A 63 -3.79 -2.91 4.12
CA GLY A 63 -3.20 -3.59 2.95
C GLY A 63 -3.89 -3.24 1.64
N ASP A 64 -3.75 -4.11 0.63
CA ASP A 64 -4.14 -3.84 -0.77
C ASP A 64 -5.57 -3.38 -0.90
N ILE A 65 -5.76 -2.34 -1.72
CA ILE A 65 -7.07 -1.80 -1.98
C ILE A 65 -7.53 -2.10 -3.42
N HIS A 66 -6.59 -1.98 -4.37
CA HIS A 66 -6.80 -2.36 -5.77
C HIS A 66 -8.07 -1.74 -6.41
N GLY A 67 -8.27 -0.43 -6.23
CA GLY A 67 -9.31 0.29 -6.95
C GLY A 67 -10.75 -0.01 -6.56
N GLN A 68 -10.95 -0.61 -5.38
CA GLN A 68 -12.29 -0.93 -4.86
C GLN A 68 -12.68 0.25 -4.00
N TYR A 69 -13.07 1.35 -4.68
CA TYR A 69 -13.24 2.64 -4.01
C TYR A 69 -14.29 2.60 -2.90
N TYR A 70 -15.40 1.92 -3.13
CA TYR A 70 -16.49 1.85 -2.14
C TYR A 70 -16.12 1.03 -0.91
N ASP A 71 -15.18 0.11 -1.09
CA ASP A 71 -14.53 -0.57 0.01
C ASP A 71 -13.54 0.29 0.81
N LEU A 72 -12.85 1.22 0.13
CA LEU A 72 -11.98 2.18 0.83
C LEU A 72 -12.78 3.11 1.77
N LEU A 73 -13.93 3.55 1.27
CA LEU A 73 -14.84 4.38 2.07
C LEU A 73 -15.39 3.61 3.29
N ARG A 74 -15.74 2.33 3.10
CA ARG A 74 -16.07 1.43 4.24
C ARG A 74 -14.94 1.29 5.27
N LEU A 75 -13.68 1.28 4.83
CA LEU A 75 -12.54 1.24 5.78
C LEU A 75 -12.45 2.50 6.65
N PHE A 76 -12.65 3.65 6.02
CA PHE A 76 -12.70 4.94 6.71
C PHE A 76 -13.96 5.08 7.60
N GLU A 77 -15.12 4.64 7.10
CA GLU A 77 -16.36 4.58 7.89
C GLU A 77 -16.17 3.75 9.18
N TYR A 78 -15.50 2.60 9.07
CA TYR A 78 -15.20 1.73 10.22
C TYR A 78 -14.07 2.30 11.09
N GLY A 79 -13.02 2.85 10.49
CA GLY A 79 -11.84 3.33 11.23
C GLY A 79 -11.78 4.79 11.69
N GLY A 80 -12.71 5.61 11.21
CA GLY A 80 -12.68 7.06 11.45
C GLY A 80 -12.02 7.78 10.30
N PHE A 81 -12.77 8.67 9.62
CA PHE A 81 -12.26 9.46 8.50
C PHE A 81 -11.17 10.39 9.02
N PRO A 82 -10.03 10.50 8.31
CA PRO A 82 -8.96 11.42 8.70
C PRO A 82 -9.48 12.86 8.94
N PRO A 83 -8.97 13.57 9.98
CA PRO A 83 -7.85 13.27 10.87
C PRO A 83 -8.19 12.51 12.19
N GLU A 84 -9.39 11.94 12.28
CA GLU A 84 -9.87 11.22 13.48
C GLU A 84 -8.96 10.05 13.88
N SER A 85 -8.39 9.38 12.87
CA SER A 85 -7.36 8.36 13.10
C SER A 85 -6.18 8.61 12.18
N ASN A 86 -5.01 8.17 12.61
CA ASN A 86 -3.81 8.19 11.79
C ASN A 86 -3.74 6.89 10.98
N TYR A 87 -3.22 6.99 9.75
CA TYR A 87 -3.24 5.86 8.80
C TYR A 87 -1.89 5.60 8.15
N LEU A 88 -1.59 4.31 7.96
CA LEU A 88 -0.50 3.84 7.11
C LEU A 88 -1.11 2.81 6.14
N PHE A 89 -0.96 3.07 4.84
CA PHE A 89 -1.36 2.14 3.78
C PHE A 89 -0.12 1.51 3.19
N LEU A 90 -0.23 0.26 2.81
CA LEU A 90 0.93 -0.57 2.47
C LEU A 90 1.11 -0.73 0.98
N GLY A 91 0.29 -0.06 0.15
CA GLY A 91 0.49 -0.09 -1.31
C GLY A 91 -0.59 -0.86 -2.05
N ASP A 92 -0.42 -1.03 -3.36
CA ASP A 92 -1.42 -1.68 -4.24
C ASP A 92 -2.77 -0.92 -4.18
N TYR A 93 -2.75 0.38 -4.54
CA TYR A 93 -3.94 1.25 -4.56
C TYR A 93 -4.76 1.10 -5.84
N VAL A 94 -4.04 0.86 -6.93
CA VAL A 94 -4.61 0.80 -8.29
C VAL A 94 -4.53 -0.62 -8.90
N ASP A 95 -5.06 -0.76 -10.12
CA ASP A 95 -5.21 -2.02 -10.89
C ASP A 95 -6.31 -2.90 -10.31
N ARG A 96 -6.85 -3.80 -11.15
CA ARG A 96 -7.84 -4.86 -10.78
C ARG A 96 -9.28 -4.39 -10.61
N GLY A 97 -9.50 -3.38 -9.75
CA GLY A 97 -10.85 -2.86 -9.47
C GLY A 97 -11.27 -1.87 -10.53
N LYS A 98 -12.49 -1.37 -10.42
CA LYS A 98 -13.02 -0.50 -11.46
C LYS A 98 -12.84 0.99 -11.20
N GLN A 99 -12.38 1.37 -10.00
CA GLN A 99 -12.20 2.78 -9.66
C GLN A 99 -10.85 3.08 -8.96
N SER A 100 -9.76 2.74 -9.64
CA SER A 100 -8.40 3.16 -9.24
C SER A 100 -8.27 4.69 -9.14
N LEU A 101 -8.91 5.40 -10.08
CA LEU A 101 -8.81 6.89 -10.10
C LEU A 101 -9.28 7.56 -8.81
N GLU A 102 -10.52 7.32 -8.42
CA GLU A 102 -11.08 7.80 -7.13
C GLU A 102 -10.26 7.35 -5.95
N THR A 103 -9.93 6.06 -5.92
CA THR A 103 -9.06 5.47 -4.87
C THR A 103 -7.77 6.22 -4.63
N ILE A 104 -6.93 6.37 -5.66
CA ILE A 104 -5.67 7.08 -5.53
C ILE A 104 -5.86 8.60 -5.29
N CYS A 105 -6.86 9.19 -5.94
CA CYS A 105 -7.10 10.62 -5.75
C CYS A 105 -7.44 10.93 -4.28
N LEU A 106 -8.29 10.10 -3.65
CA LEU A 106 -8.63 10.28 -2.22
C LEU A 106 -7.45 10.16 -1.28
N LEU A 107 -6.60 9.15 -1.51
CA LEU A 107 -5.45 8.92 -0.66
C LEU A 107 -4.39 10.01 -0.85
N LEU A 108 -4.17 10.44 -2.09
CA LEU A 108 -3.24 11.58 -2.32
C LEU A 108 -3.77 12.89 -1.71
N ALA A 109 -5.07 13.15 -1.86
CA ALA A 109 -5.72 14.32 -1.22
C ALA A 109 -5.52 14.36 0.31
N TYR A 110 -5.71 13.21 0.97
CA TYR A 110 -5.47 13.10 2.44
C TYR A 110 -4.02 13.23 2.87
N LYS A 111 -3.10 12.75 2.04
CA LYS A 111 -1.66 12.96 2.21
C LYS A 111 -1.30 14.47 2.20
N ILE A 112 -1.92 15.23 1.29
CA ILE A 112 -1.66 16.66 1.16
C ILE A 112 -2.27 17.42 2.34
N LYS A 113 -3.56 17.14 2.57
CA LYS A 113 -4.30 17.65 3.73
C LYS A 113 -3.68 17.34 5.09
N TYR A 114 -3.33 16.07 5.36
CA TYR A 114 -2.77 15.69 6.67
C TYR A 114 -1.41 15.04 6.58
N PRO A 115 -0.36 15.81 6.20
CA PRO A 115 0.94 15.21 5.85
C PRO A 115 1.74 14.56 6.97
N GLU A 116 1.37 14.82 8.23
CA GLU A 116 2.06 14.17 9.37
C GLU A 116 1.18 13.10 10.03
N ASN A 117 -0.05 12.96 9.56
CA ASN A 117 -0.98 12.00 10.15
C ASN A 117 -1.49 10.95 9.14
N PHE A 118 -0.98 11.00 7.92
CA PHE A 118 -1.44 10.09 6.84
C PHE A 118 -0.26 9.65 5.98
N PHE A 119 -0.09 8.33 5.86
CA PHE A 119 1.09 7.76 5.22
C PHE A 119 0.75 6.67 4.20
N LEU A 120 1.48 6.66 3.08
CA LEU A 120 1.29 5.69 1.98
C LEU A 120 2.63 5.10 1.60
N LEU A 121 2.73 3.77 1.59
CA LEU A 121 3.90 3.11 1.03
C LEU A 121 3.67 2.70 -0.42
N ARG A 122 4.77 2.40 -1.12
CA ARG A 122 4.72 1.93 -2.50
C ARG A 122 4.47 0.43 -2.52
N GLY A 123 3.58 -0.01 -3.39
CA GLY A 123 3.44 -1.43 -3.68
C GLY A 123 3.89 -1.78 -5.07
N ASN A 124 3.83 -3.07 -5.42
CA ASN A 124 4.30 -3.48 -6.72
C ASN A 124 3.44 -2.98 -7.89
N HIS A 125 2.18 -2.62 -7.59
CA HIS A 125 1.28 -2.04 -8.61
C HIS A 125 1.44 -0.52 -8.81
N GLU A 126 2.25 0.13 -7.98
CA GLU A 126 2.61 1.57 -8.18
C GLU A 126 3.89 1.67 -9.02
N CYS A 127 3.82 1.05 -10.20
CA CYS A 127 4.97 0.77 -11.04
C CYS A 127 4.38 0.64 -12.46
N ALA A 128 4.95 1.41 -13.39
CA ALA A 128 4.37 1.60 -14.72
C ALA A 128 4.23 0.32 -15.52
N SER A 129 5.26 -0.53 -15.46
CA SER A 129 5.26 -1.84 -16.17
C SER A 129 4.08 -2.72 -15.80
N ILE A 130 3.69 -2.67 -14.52
CA ILE A 130 2.63 -3.51 -14.00
C ILE A 130 1.28 -2.86 -14.23
N ASN A 131 1.15 -1.58 -13.85
CA ASN A 131 -0.12 -0.88 -14.00
C ASN A 131 -0.58 -0.64 -15.46
N ARG A 132 0.37 -0.79 -16.40
CA ARG A 132 0.09 -0.89 -17.83
C ARG A 132 -0.81 -2.07 -18.22
N ILE A 133 -0.55 -3.24 -17.61
CA ILE A 133 -1.27 -4.48 -17.95
C ILE A 133 -2.52 -4.72 -17.11
N TYR A 134 -2.44 -4.39 -15.80
CA TYR A 134 -3.43 -4.88 -14.82
C TYR A 134 -4.63 -3.96 -14.54
N GLY A 135 -4.72 -2.87 -15.29
CA GLY A 135 -5.98 -2.11 -15.32
C GLY A 135 -5.92 -0.59 -15.25
N PHE A 136 -4.85 -0.04 -14.66
CA PHE A 136 -4.79 1.41 -14.38
C PHE A 136 -4.56 2.24 -15.65
N TYR A 137 -3.69 1.76 -16.53
CA TYR A 137 -3.54 2.38 -17.86
C TYR A 137 -4.85 2.44 -18.63
N ASP A 138 -5.54 1.30 -18.76
CA ASP A 138 -6.85 1.25 -19.47
C ASP A 138 -7.88 2.20 -18.84
N GLU A 139 -7.92 2.29 -17.51
CA GLU A 139 -8.87 3.18 -16.82
C GLU A 139 -8.59 4.66 -17.15
N CYS A 140 -7.32 5.05 -17.13
CA CYS A 140 -6.89 6.39 -17.49
C CYS A 140 -7.19 6.71 -18.98
N LYS A 141 -6.91 5.75 -19.89
CA LYS A 141 -7.23 5.90 -21.30
C LYS A 141 -8.74 6.15 -21.53
N ARG A 142 -9.59 5.39 -20.84
CA ARG A 142 -11.05 5.52 -20.90
C ARG A 142 -11.59 6.83 -20.32
N ARG A 143 -11.06 7.26 -19.19
CA ARG A 143 -11.68 8.37 -18.46
C ARG A 143 -11.00 9.71 -18.58
N TYR A 144 -9.69 9.71 -18.88
CA TYR A 144 -8.87 10.92 -19.08
C TYR A 144 -8.03 10.65 -20.32
N ASN A 145 -6.70 10.52 -20.14
CA ASN A 145 -5.75 10.22 -21.22
C ASN A 145 -4.46 9.58 -20.70
N ILE A 146 -3.60 9.18 -21.63
CA ILE A 146 -2.35 8.46 -21.30
C ILE A 146 -1.26 9.35 -20.69
N LYS A 147 -1.27 10.64 -21.04
CA LYS A 147 -0.40 11.63 -20.40
C LYS A 147 -0.66 11.78 -18.88
N LEU A 148 -1.94 11.70 -18.45
CA LEU A 148 -2.24 11.70 -17.00
C LEU A 148 -1.70 10.42 -16.32
N TRP A 149 -1.82 9.28 -16.99
CA TRP A 149 -1.25 8.03 -16.48
C TRP A 149 0.28 8.14 -16.26
N LYS A 150 0.98 8.80 -17.20
CA LYS A 150 2.41 9.10 -17.08
C LYS A 150 2.71 10.03 -15.93
N THR A 151 1.80 10.95 -15.66
CA THR A 151 1.92 11.83 -14.50
C THR A 151 1.88 11.08 -13.18
N PHE A 152 0.96 10.12 -13.07
CA PHE A 152 0.82 9.29 -11.86
C PHE A 152 2.11 8.49 -11.62
N THR A 153 2.66 8.00 -12.72
CA THR A 153 3.92 7.29 -12.76
C THR A 153 5.06 8.05 -12.10
N ASP A 154 5.21 9.35 -12.41
CA ASP A 154 6.15 10.26 -11.71
C ASP A 154 5.92 10.40 -10.22
N CYS A 155 4.65 10.47 -9.81
CA CYS A 155 4.27 10.51 -8.40
C CYS A 155 4.61 9.19 -7.67
N PHE A 156 4.22 8.06 -8.27
CA PHE A 156 4.48 6.70 -7.73
C PHE A 156 5.97 6.41 -7.51
N ASN A 157 6.81 6.90 -8.41
CA ASN A 157 8.27 6.77 -8.33
C ASN A 157 8.94 7.46 -7.12
N CYS A 158 8.21 8.32 -6.45
CA CYS A 158 8.67 9.01 -5.25
C CYS A 158 8.11 8.48 -3.92
N LEU A 159 7.23 7.48 -3.99
CA LEU A 159 6.64 6.90 -2.76
C LEU A 159 7.73 6.29 -1.85
N PRO A 160 7.59 6.46 -0.50
CA PRO A 160 8.49 5.70 0.40
C PRO A 160 8.17 4.20 0.36
N ILE A 161 9.14 3.40 0.83
CA ILE A 161 9.17 1.96 0.60
C ILE A 161 8.90 1.16 1.88
N ALA A 162 9.32 1.70 3.03
CA ALA A 162 9.15 0.98 4.29
C ALA A 162 8.84 1.92 5.46
N ALA A 163 8.30 1.36 6.54
CA ALA A 163 8.01 2.10 7.75
C ALA A 163 8.35 1.24 8.96
N ILE A 164 8.70 1.90 10.07
CA ILE A 164 8.95 1.25 11.37
C ILE A 164 8.08 1.96 12.38
N VAL A 165 7.22 1.20 13.04
CA VAL A 165 6.24 1.75 13.98
C VAL A 165 6.78 1.51 15.40
N ASP A 166 7.22 2.61 16.05
CA ASP A 166 7.79 2.63 17.42
C ASP A 166 8.98 1.71 17.61
N GLU A 167 9.93 1.77 16.68
CA GLU A 167 11.16 0.94 16.66
C GLU A 167 10.95 -0.59 16.69
N LYS A 168 9.70 -1.03 16.60
CA LYS A 168 9.28 -2.43 16.82
C LYS A 168 8.52 -3.16 15.67
N ILE A 169 7.70 -2.45 14.89
CA ILE A 169 6.97 -3.09 13.75
C ILE A 169 7.51 -2.62 12.40
N PHE A 170 8.15 -3.53 11.65
CA PHE A 170 8.68 -3.23 10.31
C PHE A 170 7.60 -3.47 9.25
N CYS A 171 7.37 -2.45 8.43
CA CYS A 171 6.25 -2.43 7.48
C CYS A 171 6.79 -2.24 6.08
N CYS A 172 6.31 -3.07 5.16
CA CYS A 172 6.60 -2.97 3.72
C CYS A 172 5.49 -3.69 2.96
N HIS A 173 5.47 -3.54 1.62
CA HIS A 173 4.42 -4.16 0.79
C HIS A 173 4.63 -5.64 0.66
N GLY A 174 5.79 -6.01 0.12
CA GLY A 174 6.11 -7.42 -0.18
C GLY A 174 6.82 -8.13 0.96
N GLY A 175 8.12 -7.95 1.12
CA GLY A 175 8.78 -8.68 2.25
C GLY A 175 10.29 -8.49 2.27
N LEU A 176 11.00 -9.48 2.79
CA LEU A 176 12.46 -9.38 3.00
C LEU A 176 13.30 -9.67 1.76
N SER A 177 14.58 -9.33 1.82
CA SER A 177 15.51 -9.49 0.68
C SER A 177 16.79 -10.19 1.16
N PRO A 178 17.37 -11.10 0.35
CA PRO A 178 18.67 -11.68 0.71
C PRO A 178 19.84 -10.69 0.71
N ASP A 179 19.67 -9.55 0.03
CA ASP A 179 20.66 -8.46 0.08
C ASP A 179 20.47 -7.50 1.25
N LEU A 180 19.42 -7.67 2.05
CA LEU A 180 19.18 -6.76 3.17
C LEU A 180 20.01 -7.06 4.43
N GLN A 181 21.05 -6.25 4.66
CA GLN A 181 21.96 -6.37 5.81
C GLN A 181 21.72 -5.30 6.88
N SER A 182 21.33 -4.09 6.48
CA SER A 182 21.08 -2.99 7.42
C SER A 182 20.00 -2.02 6.92
N MET A 183 19.41 -1.28 7.86
CA MET A 183 18.39 -0.24 7.58
C MET A 183 18.93 0.94 6.76
N GLU A 184 20.25 1.18 6.83
CA GLU A 184 20.94 2.14 5.97
C GLU A 184 20.81 1.88 4.48
N GLN A 185 20.76 0.60 4.09
CA GLN A 185 20.58 0.22 2.68
C GLN A 185 19.28 0.74 2.07
N ILE A 186 18.23 0.74 2.90
CA ILE A 186 16.93 1.28 2.54
C ILE A 186 17.03 2.80 2.40
N ARG A 187 17.69 3.42 3.38
CA ARG A 187 17.89 4.88 3.42
C ARG A 187 18.75 5.42 2.26
N ARG A 188 19.70 4.61 1.78
CA ARG A 188 20.53 4.93 0.60
C ARG A 188 19.78 5.03 -0.73
N ILE A 189 18.60 4.39 -0.82
CA ILE A 189 17.81 4.33 -2.06
C ILE A 189 17.33 5.72 -2.46
N MET A 190 17.69 6.11 -3.67
CA MET A 190 17.42 7.45 -4.17
C MET A 190 16.17 7.49 -5.02
N ARG A 191 15.38 8.54 -4.79
CA ARG A 191 14.14 8.78 -5.53
C ARG A 191 14.22 10.06 -6.41
N PRO A 192 13.48 10.12 -7.53
CA PRO A 192 12.59 9.12 -8.14
C PRO A 192 13.31 7.89 -8.70
N THR A 193 12.66 6.74 -8.57
CA THR A 193 13.14 5.49 -9.14
C THR A 193 11.95 4.72 -9.73
N ASP A 194 12.09 4.24 -10.97
CA ASP A 194 11.22 3.17 -11.42
C ASP A 194 11.84 1.94 -10.78
N VAL A 195 11.43 0.73 -11.04
CA VAL A 195 12.23 -0.27 -10.32
C VAL A 195 12.92 -1.08 -11.40
N PRO A 196 14.06 -0.56 -11.93
CA PRO A 196 14.52 -1.16 -13.19
C PRO A 196 15.25 -2.50 -12.99
N ASP A 197 15.85 -2.71 -11.82
CA ASP A 197 16.67 -3.90 -11.61
C ASP A 197 16.10 -4.78 -10.51
N GLN A 198 16.35 -6.08 -10.60
CA GLN A 198 16.26 -7.00 -9.46
C GLN A 198 17.14 -6.48 -8.31
N GLY A 199 16.91 -6.98 -7.11
CA GLY A 199 17.68 -6.58 -5.96
C GLY A 199 16.79 -6.11 -4.86
N LEU A 200 17.38 -5.36 -3.94
CA LEU A 200 16.74 -5.00 -2.67
C LEU A 200 15.36 -4.33 -2.81
N LEU A 201 15.29 -3.31 -3.64
CA LEU A 201 14.07 -2.55 -3.79
C LEU A 201 12.95 -3.41 -4.39
N CYS A 202 13.29 -4.17 -5.43
CA CYS A 202 12.44 -5.17 -6.05
C CYS A 202 11.86 -6.16 -5.03
N ASP A 203 12.74 -6.68 -4.16
CA ASP A 203 12.32 -7.66 -3.14
C ASP A 203 11.37 -7.10 -2.07
N LEU A 204 11.64 -5.90 -1.56
CA LEU A 204 10.73 -5.18 -0.66
C LEU A 204 9.31 -5.00 -1.25
N LEU A 205 9.22 -4.95 -2.60
CA LEU A 205 7.93 -4.77 -3.26
C LEU A 205 7.20 -6.09 -3.64
N TRP A 206 7.96 -7.18 -3.75
CA TRP A 206 7.49 -8.38 -4.48
C TRP A 206 7.56 -9.70 -3.71
N SER A 207 8.40 -9.76 -2.67
CA SER A 207 8.66 -11.07 -2.01
C SER A 207 7.55 -11.61 -1.12
N ASP A 208 7.57 -12.93 -0.88
CA ASP A 208 6.47 -13.64 -0.23
C ASP A 208 7.02 -14.59 0.85
N PRO A 209 6.32 -14.72 1.99
CA PRO A 209 6.67 -15.79 2.94
C PRO A 209 6.24 -17.14 2.38
N ASP A 210 6.95 -18.20 2.75
CA ASP A 210 6.59 -19.55 2.34
C ASP A 210 7.04 -20.51 3.44
N LYS A 211 6.07 -21.29 3.92
CA LYS A 211 6.25 -22.20 5.06
C LYS A 211 7.06 -23.45 4.70
N ASP A 212 7.19 -23.74 3.40
CA ASP A 212 7.92 -24.91 2.93
C ASP A 212 9.36 -24.61 2.51
N VAL A 213 9.79 -23.37 2.65
CA VAL A 213 11.23 -23.07 2.65
C VAL A 213 11.61 -22.67 4.07
N LEU A 214 12.81 -23.02 4.51
CA LEU A 214 13.24 -22.46 5.81
C LEU A 214 14.19 -21.25 5.62
N GLY A 215 14.98 -21.28 4.54
CA GLY A 215 15.80 -20.14 4.14
C GLY A 215 15.17 -19.27 3.05
N TRP A 216 15.81 -19.24 1.88
CA TRP A 216 15.33 -18.49 0.71
C TRP A 216 14.89 -19.46 -0.35
N GLY A 217 13.80 -19.14 -1.04
CA GLY A 217 13.29 -20.01 -2.07
C GLY A 217 12.91 -19.28 -3.32
N GLU A 218 12.43 -20.05 -4.29
CA GLU A 218 12.02 -19.55 -5.60
C GLU A 218 10.58 -19.02 -5.54
N ASN A 219 10.34 -17.89 -6.19
CA ASN A 219 9.02 -17.28 -6.17
C ASN A 219 8.22 -17.61 -7.42
N ASP A 220 7.02 -18.18 -7.23
CA ASP A 220 6.13 -18.58 -8.36
C ASP A 220 5.73 -17.39 -9.28
N ARG A 221 5.75 -16.17 -8.74
CA ARG A 221 5.45 -14.95 -9.52
C ARG A 221 6.40 -14.65 -10.69
N GLY A 222 7.57 -15.28 -10.71
CA GLY A 222 8.59 -15.05 -11.73
C GLY A 222 9.63 -13.99 -11.38
N VAL A 223 9.58 -13.49 -10.16
CA VAL A 223 10.40 -12.37 -9.75
C VAL A 223 10.64 -12.49 -8.25
N SER A 224 11.82 -12.04 -7.80
CA SER A 224 12.15 -12.01 -6.38
C SER A 224 12.20 -13.46 -5.81
N PHE A 225 11.92 -13.59 -4.51
CA PHE A 225 12.19 -14.79 -3.71
C PHE A 225 11.02 -15.06 -2.78
N THR A 226 11.00 -16.27 -2.20
CA THR A 226 10.23 -16.53 -0.98
C THR A 226 11.17 -16.62 0.20
N PHE A 227 10.65 -16.41 1.41
CA PHE A 227 11.49 -16.51 2.62
C PHE A 227 10.80 -17.31 3.72
N GLY A 228 11.59 -18.12 4.44
CA GLY A 228 11.02 -18.94 5.52
C GLY A 228 11.00 -18.29 6.89
N ALA A 229 10.49 -19.01 7.88
CA ALA A 229 10.42 -18.57 9.29
C ALA A 229 11.78 -18.23 9.93
N GLU A 230 12.81 -18.99 9.56
CA GLU A 230 14.18 -18.78 10.05
C GLU A 230 14.69 -17.40 9.62
N VAL A 231 14.39 -17.03 8.37
CA VAL A 231 14.69 -15.69 7.84
C VAL A 231 14.03 -14.55 8.63
N VAL A 232 12.74 -14.70 8.90
CA VAL A 232 11.98 -13.70 9.65
C VAL A 232 12.58 -13.54 11.05
N ALA A 233 12.83 -14.66 11.71
CA ALA A 233 13.41 -14.70 13.07
C ALA A 233 14.75 -13.97 13.18
N LYS A 234 15.69 -14.31 12.29
CA LYS A 234 17.02 -13.68 12.23
C LYS A 234 16.96 -12.18 11.97
N PHE A 235 16.01 -11.76 11.14
CA PHE A 235 15.82 -10.34 10.82
C PHE A 235 15.29 -9.58 12.01
N LEU A 236 14.27 -10.12 12.65
CA LEU A 236 13.66 -9.42 13.80
C LEU A 236 14.64 -9.31 14.98
N HIS A 237 15.47 -10.33 15.17
CA HIS A 237 16.60 -10.34 16.11
C HIS A 237 17.60 -9.23 15.82
N LYS A 238 18.18 -9.27 14.61
CA LYS A 238 19.27 -8.40 14.17
C LYS A 238 18.95 -6.93 14.39
N HIS A 239 17.72 -6.54 14.08
CA HIS A 239 17.30 -5.15 14.13
C HIS A 239 16.42 -4.81 15.32
N ASP A 240 16.37 -5.72 16.31
CA ASP A 240 15.63 -5.52 17.57
C ASP A 240 14.15 -5.11 17.35
N LEU A 241 13.42 -5.94 16.60
CA LEU A 241 12.02 -5.66 16.22
C LEU A 241 11.12 -6.78 16.70
N ASP A 242 9.82 -6.54 16.74
CA ASP A 242 8.86 -7.52 17.24
C ASP A 242 7.94 -8.21 16.20
N LEU A 243 7.77 -7.59 15.03
CA LEU A 243 6.79 -8.02 14.03
C LEU A 243 7.15 -7.46 12.66
N ILE A 244 6.91 -8.27 11.61
CA ILE A 244 6.78 -7.73 10.24
C ILE A 244 5.31 -7.58 9.90
N CYS A 245 4.91 -6.38 9.48
CA CYS A 245 3.61 -6.17 8.89
C CYS A 245 3.73 -5.97 7.35
N ARG A 246 3.05 -6.81 6.57
CA ARG A 246 3.10 -6.71 5.11
C ARG A 246 1.73 -6.94 4.44
N ALA A 247 1.69 -6.86 3.12
CA ALA A 247 0.40 -6.99 2.41
C ALA A 247 0.52 -7.96 1.22
N HIS A 248 0.09 -7.58 0.02
CA HIS A 248 0.55 -8.23 -1.25
C HIS A 248 -0.11 -9.58 -1.63
N GLN A 249 -0.59 -10.35 -0.64
CA GLN A 249 -1.23 -11.63 -0.89
C GLN A 249 -2.67 -11.64 -0.37
N VAL A 250 -3.61 -12.12 -1.20
CA VAL A 250 -5.02 -12.28 -0.80
C VAL A 250 -5.06 -13.38 0.23
N VAL A 251 -5.70 -13.08 1.35
CA VAL A 251 -5.89 -14.06 2.43
C VAL A 251 -7.35 -14.03 2.88
N GLU A 252 -7.87 -15.20 3.24
CA GLU A 252 -9.30 -15.43 3.50
C GLU A 252 -9.97 -14.54 4.54
N ASP A 253 -9.29 -14.29 5.66
CA ASP A 253 -9.86 -13.51 6.77
C ASP A 253 -9.38 -12.04 6.80
N GLY A 254 -8.67 -11.63 5.75
CA GLY A 254 -8.17 -10.25 5.63
C GLY A 254 -6.83 -10.03 6.33
N TYR A 255 -6.56 -10.88 7.30
CA TYR A 255 -5.29 -10.91 8.00
C TYR A 255 -4.91 -12.38 8.16
N GLU A 256 -3.61 -12.64 8.13
CA GLU A 256 -3.08 -14.00 8.32
C GLU A 256 -1.66 -13.96 8.89
N PHE A 257 -1.43 -14.77 9.91
CA PHE A 257 -0.12 -14.86 10.57
C PHE A 257 0.75 -15.88 9.87
N PHE A 258 2.04 -15.62 9.90
CA PHE A 258 3.05 -16.46 9.26
C PHE A 258 4.25 -16.51 10.19
N ALA A 259 5.04 -17.58 10.04
CA ALA A 259 6.30 -17.76 10.75
C ALA A 259 6.15 -17.68 12.28
N LYS A 260 5.24 -18.47 12.86
CA LYS A 260 5.07 -18.50 14.34
C LYS A 260 4.67 -17.10 14.88
N ARG A 261 3.75 -16.45 14.18
CA ARG A 261 3.18 -15.13 14.49
C ARG A 261 4.15 -13.97 14.56
N GLN A 262 5.27 -14.12 13.86
CA GLN A 262 6.28 -13.09 13.75
C GLN A 262 6.07 -12.20 12.52
N LEU A 263 5.16 -12.62 11.64
CA LEU A 263 4.73 -11.81 10.49
C LEU A 263 3.21 -11.84 10.37
N VAL A 264 2.63 -10.71 9.97
CA VAL A 264 1.21 -10.68 9.58
C VAL A 264 1.08 -10.08 8.15
N THR A 265 0.24 -10.73 7.34
CA THR A 265 -0.20 -10.21 6.03
C THR A 265 -1.55 -9.56 6.19
N LEU A 266 -1.71 -8.32 5.69
CA LEU A 266 -2.99 -7.61 5.66
C LEU A 266 -3.49 -7.45 4.22
N PHE A 267 -4.77 -7.70 3.98
CA PHE A 267 -5.34 -7.49 2.67
C PHE A 267 -6.65 -6.77 2.90
N SER A 268 -6.82 -5.59 2.29
CA SER A 268 -7.94 -4.71 2.65
C SER A 268 -9.08 -4.61 1.63
N ALA A 269 -9.08 -5.47 0.63
CA ALA A 269 -10.13 -5.44 -0.41
C ALA A 269 -10.96 -6.72 -0.39
N PRO A 270 -12.19 -6.65 0.17
CA PRO A 270 -13.07 -7.84 0.29
C PRO A 270 -13.59 -8.25 -1.06
N ASN A 271 -13.89 -9.55 -1.19
CA ASN A 271 -14.29 -10.16 -2.48
C ASN A 271 -13.41 -9.68 -3.66
N TYR A 272 -12.10 -9.82 -3.45
CA TYR A 272 -11.07 -9.42 -4.43
C TYR A 272 -11.44 -9.83 -5.84
N CYS A 273 -11.44 -8.86 -6.75
CA CYS A 273 -11.69 -9.06 -8.20
C CYS A 273 -13.09 -9.52 -8.60
N GLY A 274 -14.00 -9.54 -7.63
CA GLY A 274 -15.29 -10.21 -7.77
C GLY A 274 -15.19 -11.73 -7.85
N GLU A 275 -14.03 -12.30 -7.47
CA GLU A 275 -13.80 -13.74 -7.63
C GLU A 275 -13.56 -14.51 -6.33
N PHE A 276 -12.78 -13.94 -5.42
CA PHE A 276 -12.46 -14.58 -4.16
C PHE A 276 -13.52 -14.24 -3.11
N ASP A 277 -13.70 -15.09 -2.10
CA ASP A 277 -14.71 -14.79 -1.09
C ASP A 277 -14.04 -14.30 0.19
N ASN A 278 -12.91 -13.61 0.04
CA ASN A 278 -12.09 -13.16 1.15
C ASN A 278 -12.68 -11.96 1.88
N ALA A 279 -12.38 -11.86 3.17
CA ALA A 279 -12.64 -10.63 3.88
C ALA A 279 -11.49 -9.67 3.62
N GLY A 280 -11.72 -8.39 3.91
CA GLY A 280 -10.65 -7.40 4.02
C GLY A 280 -10.38 -7.14 5.48
N ALA A 281 -9.17 -6.69 5.84
CA ALA A 281 -8.88 -6.26 7.23
C ALA A 281 -7.94 -5.07 7.36
N MET A 282 -7.94 -4.49 8.56
CA MET A 282 -7.16 -3.33 8.93
C MET A 282 -6.61 -3.63 10.33
N MET A 283 -5.33 -3.33 10.55
CA MET A 283 -4.71 -3.49 11.87
C MET A 283 -4.56 -2.17 12.64
N SER A 284 -5.24 -2.10 13.77
CA SER A 284 -5.14 -0.98 14.68
C SER A 284 -4.05 -1.27 15.72
N VAL A 285 -3.00 -0.45 15.73
CA VAL A 285 -1.95 -0.51 16.76
C VAL A 285 -2.15 0.65 17.74
N ASP A 286 -2.36 0.35 19.03
CA ASP A 286 -2.52 1.44 20.02
C ASP A 286 -1.21 1.98 20.62
N GLU A 287 -1.35 2.97 21.50
CA GLU A 287 -0.26 3.67 22.19
C GLU A 287 0.63 2.84 23.12
N THR A 288 0.13 1.68 23.57
CA THR A 288 0.90 0.74 24.39
C THR A 288 1.42 -0.44 23.55
N LEU A 289 1.41 -0.26 22.23
CA LEU A 289 1.76 -1.27 21.22
C LEU A 289 0.95 -2.59 21.34
N MET A 290 -0.35 -2.43 21.55
CA MET A 290 -1.29 -3.56 21.45
C MET A 290 -1.90 -3.53 20.05
N CYS A 291 -2.00 -4.70 19.41
CA CYS A 291 -2.57 -4.78 18.07
C CYS A 291 -3.95 -5.41 18.09
N SER A 292 -4.87 -4.89 17.27
CA SER A 292 -6.21 -5.48 17.07
C SER A 292 -6.62 -5.40 15.59
N PHE A 293 -7.61 -6.21 15.20
CA PHE A 293 -8.01 -6.31 13.79
C PHE A 293 -9.48 -5.99 13.60
N GLN A 294 -9.74 -5.13 12.63
CA GLN A 294 -11.10 -4.80 12.22
C GLN A 294 -11.34 -5.47 10.87
N ILE A 295 -12.44 -6.21 10.78
CA ILE A 295 -12.74 -7.04 9.61
C ILE A 295 -13.83 -6.39 8.78
N LEU A 296 -13.58 -6.28 7.47
CA LEU A 296 -14.59 -5.86 6.51
C LEU A 296 -15.15 -7.10 5.84
N LYS A 297 -16.45 -7.34 6.03
CA LYS A 297 -17.11 -8.53 5.51
C LYS A 297 -17.33 -8.52 3.98
N PRO A 298 -17.07 -9.66 3.32
CA PRO A 298 -17.35 -9.84 1.88
C PRO A 298 -18.86 -9.87 1.55
C ACB B 1 -2.45 -13.00 -13.11
O ACB B 1 -2.38 -12.58 -11.91
OXT ACB B 1 -1.93 -12.48 -14.12
CA ACB B 1 -3.29 -14.26 -13.33
N ACB B 1 -4.34 -14.37 -12.31
CB ACB B 1 -2.37 -15.49 -13.34
CG ACB B 1 -1.76 -15.70 -11.96
OD1 ACB B 1 -2.42 -16.05 -10.98
C4 ACB B 1 -3.08 -16.75 -13.84
N VAL B 2 -0.47 -15.40 -11.96
CA VAL B 2 0.43 -15.53 -10.80
C VAL B 2 1.02 -14.15 -10.32
C1 1ZN B 3 9.34 -8.83 -13.02
O1 1ZN B 3 7.98 -8.43 -12.96
C2 1ZN B 3 7.05 -8.54 -14.09
C3 1ZN B 3 7.33 -7.42 -15.27
C4 1ZN B 3 8.23 -6.13 -14.96
C5 1ZN B 3 8.37 -5.50 -13.70
C6 1ZN B 3 9.21 -4.38 -13.54
C7 1ZN B 3 9.91 -3.84 -14.62
C8 1ZN B 3 9.78 -4.43 -15.87
C9 1ZN B 3 8.94 -5.53 -16.01
C10 1ZN B 3 6.55 -10.03 -14.47
C11 1ZN B 3 7.58 -11.09 -14.95
C12 1ZN B 3 5.76 -10.65 -13.29
C13 1ZN B 3 4.36 -10.66 -13.26
C14 1ZN B 3 3.56 -10.03 -14.44
C15 1ZN B 3 3.70 -11.21 -12.16
C16 1ZN B 3 2.31 -11.24 -12.11
CA 1ZN B 3 1.50 -11.81 -10.93
N 1ZN B 3 0.99 -13.17 -11.22
C18 1ZN B 3 0.30 -10.86 -10.66
C19 1ZN B 3 0.66 -9.36 -10.69
C 1ZN B 3 -0.29 -11.24 -9.29
O 1ZN B 3 0.26 -10.87 -8.28
N FGA B 4 -1.40 -11.97 -9.30
CA FGA B 4 -2.06 -12.40 -8.03
C FGA B 4 -2.89 -11.28 -7.37
O FGA B 4 -2.88 -11.26 -6.11
CB FGA B 4 -2.96 -13.64 -8.28
CG FGA B 4 -4.19 -13.25 -9.13
CD FGA B 4 -5.32 -14.28 -9.36
OE1 FGA B 4 -5.21 -15.43 -8.90
OXT FGA B 4 -3.55 -10.48 -8.09
N MDH B 5 -6.39 -13.78 -10.02
CM MDH B 5 -7.36 -13.08 -9.13
CA MDH B 5 -6.55 -13.63 -11.39
C MDH B 5 -5.39 -13.59 -12.42
O MDH B 5 -5.50 -12.81 -13.35
CB MDH B 5 -7.37 -12.65 -12.00
CG MDH B 5 -8.73 -11.95 -11.80
C1 BME C . 7.39 -2.67 -10.83
C2 BME C . 7.31 -2.36 -9.24
O1 BME C . 8.06 -4.01 -10.72
S2 BME C . 6.84 -0.62 -9.38
C1 BME D . 12.55 -5.64 -11.71
C2 BME D . 11.40 -6.33 -11.02
O1 BME D . 13.34 -6.60 -12.37
S2 BME D . 11.18 -5.86 -9.28
MN MN E . 1.30 -6.51 -4.34
MN MN F . -1.96 -6.65 -4.62
MN MN G . -2.91 10.72 -24.81
MN MN H . -27.32 7.55 -6.00
MN MN I . 20.82 0.07 10.69
MN MN J . 3.93 -20.98 10.63
MN MN K . -1.64 -19.00 13.48
MN MN L . -8.60 -16.78 -0.22
#